data_8QNR
#
_entry.id   8QNR
#
_cell.length_a   57.280
_cell.length_b   70.026
_cell.length_c   69.631
_cell.angle_alpha   90.00
_cell.angle_beta   102.16
_cell.angle_gamma   90.00
#
_symmetry.space_group_name_H-M   'P 1 21 1'
#
loop_
_entity.id
_entity.type
_entity.pdbx_description
1 polymer 'L-galactono-1,4-lactone dehydrogenase'
2 non-polymer 'FLAVIN-ADENINE DINUCLEOTIDE'
3 non-polymer L-gulono-1,4-lactone
4 water water
#
_entity_poly.entity_id   1
_entity_poly.type   'polypeptide(L)'
_entity_poly.pdbx_seq_one_letter_code
;MYAPAAEDEHTITNWSGTHAVRPKRFFQPESVEELEKIVKEAHEKGQKIRPVGSGLSPNGLAFSEDGMVSLALMDKVLHV
DKEKKQVTVQAGARVQQVVDALRPHGLTLQNFASISEQQIGGFIQVGAHGTGARIPPVDEQVVSMKLVTPAKGTIELSEE
KDPELFRLARCGLGALGVVTEVTLQCVPRHKLLEHTFVATMKEVKKNHEKLLRENKHVRYMWIPYTDTVVVVTCNPLPEG
KKAPKVKPQYSEDEKLQPLRNLLREAAPPARAPEVAAPSSSETSPEVSGLSFTELRDALLAVDPLDTEWVKRVNQAEAEF
WKRSEGYRVGWSDEILGFDCGGQQWVSEVAFPAGTLEKPSAADLEYMEELMRLINKEGIPAPAPIEQRWTAGSSSPMSPA
YSPSPDSVFSWVNIIMYLPTEDEEQRKAITEAFRQYRKLCETRLWDKYGAAEHWAKIEVPEDPEELEALRERLRKRYPGV
DKFNKARRELDPKNILSNDMIDSLFPAAESA
;
_entity_poly.pdbx_strand_id   A
#
loop_
_chem_comp.id
_chem_comp.type
_chem_comp.name
_chem_comp.formula
FAD non-polymer 'FLAVIN-ADENINE DINUCLEOTIDE' 'C27 H33 N9 O15 P2'
X8L non-polymer L-gulono-1,4-lactone 'C6 H10 O6'
#
# COMPACT_ATOMS: atom_id res chain seq x y z
N HIS A 10 6.80 -19.25 17.39
CA HIS A 10 6.38 -18.66 16.09
C HIS A 10 7.27 -17.44 15.80
N THR A 11 8.18 -17.60 14.84
CA THR A 11 8.98 -16.50 14.23
C THR A 11 8.21 -15.98 13.01
N ILE A 12 8.17 -14.64 12.84
CA ILE A 12 7.25 -13.90 11.93
C ILE A 12 8.03 -12.82 11.15
N THR A 13 7.91 -12.84 9.82
CA THR A 13 8.74 -12.11 8.82
C THR A 13 7.82 -11.45 7.79
N ASN A 14 8.17 -10.25 7.30
CA ASN A 14 7.34 -9.55 6.29
C ASN A 14 7.66 -10.15 4.90
N TRP A 15 6.89 -9.77 3.87
CA TRP A 15 6.98 -10.30 2.48
C TRP A 15 8.45 -10.31 2.02
N SER A 16 9.14 -9.17 2.17
CA SER A 16 10.49 -8.91 1.60
C SER A 16 11.59 -9.42 2.55
N GLY A 17 11.19 -10.03 3.66
CA GLY A 17 12.12 -10.45 4.74
C GLY A 17 13.11 -9.34 5.08
N THR A 18 12.65 -8.08 5.13
CA THR A 18 13.44 -6.91 5.60
C THR A 18 13.21 -6.68 7.11
N HIS A 19 12.19 -7.32 7.69
CA HIS A 19 11.83 -7.23 9.13
C HIS A 19 11.29 -8.59 9.58
N ALA A 20 11.66 -9.01 10.77
CA ALA A 20 11.19 -10.26 11.40
C ALA A 20 11.13 -10.03 12.90
N VAL A 21 10.25 -10.76 13.59
CA VAL A 21 10.07 -10.68 15.06
C VAL A 21 9.68 -12.07 15.59
N ARG A 22 10.09 -12.35 16.83
CA ARG A 22 9.78 -13.61 17.55
C ARG A 22 9.14 -13.18 18.86
N PRO A 23 7.81 -12.92 18.87
CA PRO A 23 7.18 -12.30 20.02
C PRO A 23 7.24 -13.28 21.22
N LYS A 24 7.51 -12.74 22.41
CA LYS A 24 7.60 -13.56 23.66
C LYS A 24 6.25 -14.24 23.88
N ARG A 25 5.15 -13.61 23.47
CA ARG A 25 3.77 -14.13 23.58
C ARG A 25 3.12 -13.98 22.20
N PHE A 26 2.43 -15.02 21.73
CA PHE A 26 1.69 -15.06 20.45
C PHE A 26 0.33 -15.70 20.70
N PHE A 27 -0.74 -14.91 20.64
CA PHE A 27 -2.15 -15.32 20.86
C PHE A 27 -2.90 -15.37 19.51
N GLN A 28 -3.73 -16.38 19.34
CA GLN A 28 -4.53 -16.58 18.12
C GLN A 28 -5.89 -17.07 18.56
N PRO A 29 -6.73 -16.20 19.13
CA PRO A 29 -8.08 -16.60 19.54
C PRO A 29 -9.00 -16.91 18.35
N GLU A 30 -10.02 -17.76 18.58
CA GLU A 30 -10.99 -18.29 17.59
C GLU A 30 -12.38 -17.66 17.80
N SER A 31 -12.54 -16.78 18.79
CA SER A 31 -13.86 -16.22 19.20
C SER A 31 -13.67 -14.85 19.86
N VAL A 32 -14.60 -13.91 19.65
CA VAL A 32 -14.53 -12.57 20.32
C VAL A 32 -14.33 -12.80 21.82
N GLU A 33 -15.24 -13.54 22.44
CA GLU A 33 -15.16 -13.91 23.87
C GLU A 33 -13.69 -14.16 24.23
N GLU A 34 -12.99 -15.02 23.46
CA GLU A 34 -11.57 -15.41 23.73
C GLU A 34 -10.64 -14.19 23.65
N LEU A 35 -10.89 -13.30 22.68
CA LEU A 35 -10.08 -12.07 22.49
C LEU A 35 -10.46 -11.05 23.57
N GLU A 36 -11.75 -10.91 23.87
CA GLU A 36 -12.22 -10.00 24.95
C GLU A 36 -11.30 -10.28 26.14
N LYS A 37 -11.24 -11.54 26.58
CA LYS A 37 -10.45 -12.00 27.74
C LYS A 37 -8.99 -11.59 27.58
N ILE A 38 -8.39 -11.96 26.46
CA ILE A 38 -6.93 -11.79 26.19
C ILE A 38 -6.54 -10.34 26.51
N VAL A 39 -7.37 -9.38 26.11
CA VAL A 39 -7.02 -7.93 26.27
C VAL A 39 -7.32 -7.54 27.72
N LYS A 40 -8.48 -7.95 28.25
CA LYS A 40 -8.82 -7.72 29.69
C LYS A 40 -7.60 -8.07 30.53
N GLU A 41 -7.12 -9.30 30.40
CA GLU A 41 -6.01 -9.86 31.21
C GLU A 41 -4.71 -9.13 30.83
N ALA A 42 -4.53 -8.80 29.55
CA ALA A 42 -3.33 -8.07 29.07
C ALA A 42 -3.34 -6.66 29.68
N HIS A 43 -4.54 -6.08 29.82
CA HIS A 43 -4.74 -4.75 30.46
C HIS A 43 -4.43 -4.87 31.95
N GLU A 44 -5.14 -5.77 32.64
CA GLU A 44 -4.98 -6.07 34.10
C GLU A 44 -3.49 -6.13 34.46
N LYS A 45 -2.61 -6.61 33.56
CA LYS A 45 -1.20 -7.01 33.87
C LYS A 45 -0.16 -6.07 33.25
N GLY A 46 -0.54 -5.16 32.35
CA GLY A 46 0.40 -4.23 31.69
C GLY A 46 1.32 -4.96 30.73
N GLN A 47 0.77 -5.90 29.94
CA GLN A 47 1.52 -6.76 28.99
C GLN A 47 1.20 -6.31 27.55
N LYS A 48 2.23 -5.95 26.77
CA LYS A 48 2.08 -5.62 25.33
C LYS A 48 1.33 -6.75 24.61
N ILE A 49 0.36 -6.39 23.76
CA ILE A 49 -0.31 -7.28 22.77
C ILE A 49 -0.61 -6.48 21.51
N ARG A 50 0.36 -6.27 20.62
CA ARG A 50 0.10 -5.51 19.37
C ARG A 50 -0.73 -6.37 18.42
N PRO A 51 -1.83 -5.84 17.84
CA PRO A 51 -2.59 -6.57 16.82
C PRO A 51 -1.75 -6.81 15.58
N VAL A 52 -1.88 -7.99 14.99
CA VAL A 52 -1.20 -8.29 13.70
C VAL A 52 -2.24 -8.90 12.75
N GLY A 53 -2.14 -8.54 11.48
CA GLY A 53 -2.91 -9.18 10.40
C GLY A 53 -2.05 -10.28 9.81
N SER A 54 -1.80 -10.21 8.51
CA SER A 54 -0.99 -11.20 7.78
C SER A 54 0.50 -10.91 7.98
N GLY A 55 0.83 -9.77 8.57
CA GLY A 55 2.22 -9.43 8.95
C GLY A 55 3.00 -8.88 7.78
N LEU A 56 2.33 -8.51 6.69
CA LEU A 56 3.01 -8.29 5.38
C LEU A 56 3.60 -6.88 5.30
N SER A 57 3.19 -5.97 6.19
CA SER A 57 3.58 -4.54 6.12
C SER A 57 5.08 -4.40 5.86
N PRO A 58 5.49 -3.70 4.80
CA PRO A 58 6.91 -3.56 4.51
C PRO A 58 7.76 -2.97 5.66
N ASN A 59 7.17 -2.27 6.62
CA ASN A 59 7.95 -1.62 7.71
C ASN A 59 7.83 -2.38 9.05
N GLY A 60 7.12 -3.50 9.10
CA GLY A 60 6.91 -4.27 10.35
C GLY A 60 6.01 -3.55 11.35
N LEU A 61 5.21 -2.59 10.90
CA LEU A 61 4.30 -1.81 11.77
C LEU A 61 3.73 -2.63 12.96
N ALA A 62 3.39 -3.91 12.77
CA ALA A 62 2.59 -4.74 13.69
C ALA A 62 3.49 -5.57 14.60
N PHE A 63 4.80 -5.53 14.36
CA PHE A 63 5.80 -6.37 15.05
C PHE A 63 6.08 -5.84 16.46
N SER A 64 6.00 -6.73 17.46
CA SER A 64 6.37 -6.47 18.88
C SER A 64 7.10 -7.69 19.46
N GLU A 65 8.36 -7.54 19.88
CA GLU A 65 9.13 -8.56 20.64
C GLU A 65 8.26 -9.13 21.76
N ASP A 66 7.54 -8.27 22.47
CA ASP A 66 6.85 -8.62 23.74
C ASP A 66 5.63 -9.48 23.41
N GLY A 67 4.63 -8.93 22.74
CA GLY A 67 3.38 -9.68 22.54
C GLY A 67 2.64 -9.20 21.31
N MET A 68 1.95 -10.13 20.66
CA MET A 68 1.20 -9.86 19.42
C MET A 68 -0.03 -10.73 19.44
N VAL A 69 -1.17 -10.21 19.02
CA VAL A 69 -2.41 -11.03 18.82
C VAL A 69 -2.79 -11.00 17.34
N SER A 70 -3.02 -12.18 16.78
CA SER A 70 -3.51 -12.43 15.40
C SER A 70 -4.96 -12.89 15.48
N LEU A 71 -5.82 -12.36 14.62
CA LEU A 71 -7.22 -12.82 14.53
C LEU A 71 -7.40 -13.74 13.32
N ALA A 72 -6.31 -14.34 12.83
CA ALA A 72 -6.28 -15.20 11.63
C ALA A 72 -7.38 -16.27 11.67
N LEU A 73 -7.79 -16.73 12.85
CA LEU A 73 -8.75 -17.86 12.99
C LEU A 73 -10.17 -17.31 12.98
N MET A 74 -10.32 -16.00 13.12
CA MET A 74 -11.63 -15.31 13.05
C MET A 74 -11.68 -14.64 11.68
N ASP A 75 -12.31 -15.29 10.69
CA ASP A 75 -12.18 -14.91 9.27
C ASP A 75 -13.49 -15.23 8.52
N LYS A 76 -14.60 -15.45 9.24
CA LYS A 76 -15.93 -15.74 8.66
C LYS A 76 -16.58 -14.46 8.12
N VAL A 77 -17.25 -14.56 6.98
CA VAL A 77 -18.31 -13.61 6.55
C VAL A 77 -19.51 -13.88 7.46
N LEU A 78 -19.96 -12.87 8.22
CA LEU A 78 -21.08 -12.99 9.18
C LEU A 78 -22.43 -12.74 8.48
N HIS A 79 -22.61 -11.59 7.80
CA HIS A 79 -23.89 -11.19 7.14
C HIS A 79 -23.62 -10.52 5.78
N VAL A 80 -24.51 -10.75 4.81
CA VAL A 80 -24.60 -9.99 3.53
C VAL A 80 -25.97 -9.27 3.44
N ASP A 81 -25.95 -7.93 3.44
CA ASP A 81 -27.14 -7.08 3.15
C ASP A 81 -27.30 -6.99 1.62
N LYS A 82 -28.12 -7.87 1.04
CA LYS A 82 -28.29 -8.03 -0.44
C LYS A 82 -28.75 -6.73 -1.10
N GLU A 83 -29.23 -5.75 -0.32
CA GLU A 83 -29.89 -4.53 -0.83
C GLU A 83 -28.96 -3.32 -0.66
N LYS A 84 -28.49 -3.06 0.56
CA LYS A 84 -27.56 -1.94 0.88
C LYS A 84 -26.14 -2.26 0.39
N LYS A 85 -25.94 -3.46 -0.20
CA LYS A 85 -24.66 -3.93 -0.83
C LYS A 85 -23.53 -3.87 0.20
N GLN A 86 -23.64 -4.67 1.25
CA GLN A 86 -22.77 -4.57 2.44
C GLN A 86 -22.50 -5.95 3.03
N VAL A 87 -21.26 -6.19 3.40
CA VAL A 87 -20.82 -7.43 4.10
C VAL A 87 -20.29 -7.03 5.47
N THR A 88 -20.71 -7.76 6.51
CA THR A 88 -20.04 -7.75 7.83
C THR A 88 -19.11 -8.98 7.85
N VAL A 89 -17.85 -8.76 8.20
CA VAL A 89 -16.76 -9.78 8.10
C VAL A 89 -15.88 -9.69 9.34
N GLN A 90 -15.48 -10.83 9.89
CA GLN A 90 -14.51 -10.87 11.01
C GLN A 90 -13.18 -10.31 10.49
N ALA A 91 -12.49 -9.52 11.32
CA ALA A 91 -11.30 -8.74 10.93
C ALA A 91 -10.21 -9.66 10.39
N GLY A 92 -10.14 -10.92 10.84
CA GLY A 92 -9.04 -11.82 10.45
C GLY A 92 -9.16 -12.33 9.02
N ALA A 93 -10.30 -12.11 8.37
CA ALA A 93 -10.51 -12.59 6.99
C ALA A 93 -9.47 -11.90 6.11
N ARG A 94 -8.87 -12.64 5.19
CA ARG A 94 -7.97 -12.04 4.17
C ARG A 94 -8.85 -11.48 3.06
N VAL A 95 -8.38 -10.44 2.40
CA VAL A 95 -9.11 -9.78 1.29
C VAL A 95 -9.57 -10.88 0.32
N GLN A 96 -8.68 -11.82 -0.03
CA GLN A 96 -8.92 -12.93 -0.98
C GLN A 96 -10.12 -13.75 -0.50
N GLN A 97 -10.09 -14.14 0.79
CA GLN A 97 -11.16 -14.91 1.48
C GLN A 97 -12.51 -14.21 1.35
N VAL A 98 -12.52 -12.88 1.46
CA VAL A 98 -13.76 -12.05 1.38
C VAL A 98 -14.21 -11.93 -0.07
N VAL A 99 -13.27 -11.89 -1.02
CA VAL A 99 -13.61 -11.86 -2.47
C VAL A 99 -14.26 -13.17 -2.88
N ASP A 100 -13.79 -14.29 -2.34
CA ASP A 100 -14.32 -15.64 -2.66
C ASP A 100 -15.73 -15.78 -2.07
N ALA A 101 -15.90 -15.51 -0.78
CA ALA A 101 -17.20 -15.57 -0.08
C ALA A 101 -18.23 -14.68 -0.78
N LEU A 102 -17.83 -13.48 -1.22
CA LEU A 102 -18.74 -12.47 -1.85
C LEU A 102 -19.14 -12.87 -3.27
N ARG A 103 -18.40 -13.78 -3.90
CA ARG A 103 -18.54 -14.09 -5.35
C ARG A 103 -20.01 -14.44 -5.63
N PRO A 104 -20.53 -15.55 -5.08
CA PRO A 104 -21.91 -15.98 -5.37
C PRO A 104 -23.01 -14.99 -4.98
N HIS A 105 -22.71 -14.04 -4.08
CA HIS A 105 -23.61 -12.91 -3.70
C HIS A 105 -23.51 -11.76 -4.71
N GLY A 106 -22.77 -11.95 -5.80
CA GLY A 106 -22.64 -10.97 -6.92
C GLY A 106 -22.07 -9.63 -6.49
N LEU A 107 -21.24 -9.60 -5.44
CA LEU A 107 -20.66 -8.34 -4.89
C LEU A 107 -19.13 -8.43 -4.90
N THR A 108 -18.47 -7.28 -4.82
CA THR A 108 -16.98 -7.17 -4.74
C THR A 108 -16.63 -5.91 -3.96
N LEU A 109 -15.39 -5.75 -3.55
CA LEU A 109 -14.97 -4.50 -2.86
C LEU A 109 -14.81 -3.42 -3.92
N GLN A 110 -14.93 -2.17 -3.45
CA GLN A 110 -14.85 -0.91 -4.22
C GLN A 110 -13.49 -0.79 -4.91
N ASN A 111 -12.43 -1.27 -4.25
CA ASN A 111 -11.03 -1.20 -4.74
C ASN A 111 -10.19 -2.27 -4.01
N PHE A 112 -9.05 -2.62 -4.61
CA PHE A 112 -8.05 -3.59 -4.10
C PHE A 112 -6.64 -2.98 -4.16
N ALA A 113 -5.79 -3.38 -3.21
CA ALA A 113 -4.41 -2.90 -2.98
C ALA A 113 -3.36 -3.89 -3.54
N SER A 114 -3.48 -4.28 -4.81
CA SER A 114 -2.39 -4.87 -5.65
C SER A 114 -2.04 -6.27 -5.17
N ILE A 115 -2.00 -6.52 -3.86
CA ILE A 115 -2.05 -7.90 -3.31
C ILE A 115 -3.31 -8.00 -2.48
N SER A 116 -3.69 -9.23 -2.12
CA SER A 116 -5.00 -9.58 -1.53
C SER A 116 -4.80 -10.60 -0.40
N GLU A 117 -3.58 -10.70 0.13
CA GLU A 117 -3.25 -11.63 1.23
C GLU A 117 -3.41 -10.86 2.55
N GLN A 118 -3.60 -9.54 2.53
CA GLN A 118 -3.78 -8.65 3.70
C GLN A 118 -5.02 -9.13 4.45
N GLN A 119 -5.06 -8.95 5.75
CA GLN A 119 -6.30 -9.18 6.52
C GLN A 119 -7.09 -7.88 6.50
N ILE A 120 -8.41 -7.93 6.54
CA ILE A 120 -9.25 -6.70 6.58
C ILE A 120 -8.71 -5.73 7.64
N GLY A 121 -8.34 -6.24 8.83
CA GLY A 121 -7.77 -5.41 9.91
C GLY A 121 -6.58 -4.59 9.44
N GLY A 122 -5.52 -5.26 8.98
CA GLY A 122 -4.29 -4.59 8.53
C GLY A 122 -4.51 -3.79 7.26
N PHE A 123 -5.54 -4.15 6.51
CA PHE A 123 -5.93 -3.46 5.26
C PHE A 123 -6.45 -2.07 5.62
N ILE A 124 -7.46 -1.99 6.50
CA ILE A 124 -8.14 -0.73 6.92
C ILE A 124 -7.25 0.07 7.89
N GLN A 125 -6.51 -0.58 8.79
CA GLN A 125 -5.76 0.12 9.86
C GLN A 125 -4.63 1.00 9.30
N VAL A 126 -4.25 0.87 8.03
CA VAL A 126 -3.14 1.70 7.42
C VAL A 126 -3.73 2.66 6.37
N GLY A 127 -5.05 2.55 6.13
CA GLY A 127 -5.74 3.21 5.02
C GLY A 127 -5.11 2.79 3.69
N ALA A 128 -5.07 1.48 3.42
CA ALA A 128 -4.59 0.93 2.14
C ALA A 128 -5.45 1.53 1.04
N HIS A 129 -4.95 1.51 -0.19
CA HIS A 129 -5.60 2.13 -1.36
C HIS A 129 -5.32 1.33 -2.65
N GLY A 130 -6.17 1.53 -3.65
CA GLY A 130 -5.83 1.21 -5.04
C GLY A 130 -5.55 2.48 -5.83
N THR A 131 -6.05 2.50 -7.06
CA THR A 131 -6.00 3.62 -8.03
C THR A 131 -7.42 3.96 -8.47
N GLY A 132 -7.65 5.15 -9.02
CA GLY A 132 -9.01 5.60 -9.40
C GLY A 132 -9.36 6.88 -8.67
N ALA A 133 -9.36 7.99 -9.42
CA ALA A 133 -9.40 9.37 -8.91
C ALA A 133 -10.68 9.60 -8.11
N ARG A 134 -11.77 8.90 -8.45
CA ARG A 134 -13.10 8.97 -7.78
C ARG A 134 -13.32 7.86 -6.75
N ILE A 135 -12.26 7.18 -6.29
CA ILE A 135 -12.36 6.05 -5.32
C ILE A 135 -11.47 6.35 -4.10
N PRO A 136 -12.05 6.43 -2.89
CA PRO A 136 -11.26 6.71 -1.70
C PRO A 136 -10.35 5.53 -1.34
N PRO A 137 -9.38 5.71 -0.41
CA PRO A 137 -8.72 4.56 0.19
C PRO A 137 -9.75 3.72 0.96
N VAL A 138 -9.33 2.58 1.50
CA VAL A 138 -10.28 1.60 2.09
C VAL A 138 -10.88 2.03 3.43
N ASP A 139 -10.31 3.05 4.05
CA ASP A 139 -10.92 3.59 5.28
C ASP A 139 -12.34 4.04 4.98
N GLU A 140 -12.52 4.86 3.94
CA GLU A 140 -13.85 5.43 3.60
C GLU A 140 -14.82 4.38 3.08
N GLN A 141 -14.45 3.11 3.16
CA GLN A 141 -15.31 2.00 2.65
C GLN A 141 -15.96 1.30 3.84
N VAL A 142 -15.50 1.58 5.06
CA VAL A 142 -16.06 1.00 6.31
C VAL A 142 -17.34 1.78 6.67
N VAL A 143 -18.48 1.09 6.74
CA VAL A 143 -19.75 1.63 7.30
C VAL A 143 -19.63 1.54 8.83
N SER A 144 -19.37 0.34 9.34
CA SER A 144 -19.27 0.09 10.81
C SER A 144 -18.17 -0.92 11.11
N MET A 145 -17.68 -0.84 12.34
CA MET A 145 -16.68 -1.75 12.92
C MET A 145 -17.09 -2.03 14.37
N LYS A 146 -16.69 -3.19 14.90
CA LYS A 146 -16.60 -3.46 16.36
C LYS A 146 -15.12 -3.54 16.74
N LEU A 147 -14.75 -2.88 17.82
CA LEU A 147 -13.35 -2.68 18.25
C LEU A 147 -13.26 -3.13 19.72
N VAL A 148 -12.25 -3.94 20.09
CA VAL A 148 -12.04 -4.41 21.51
C VAL A 148 -10.98 -3.52 22.16
N THR A 149 -11.38 -2.77 23.18
CA THR A 149 -10.53 -1.75 23.83
C THR A 149 -10.03 -2.29 25.16
N PRO A 150 -8.75 -2.02 25.50
CA PRO A 150 -8.26 -2.34 26.84
C PRO A 150 -9.12 -1.73 27.96
N ALA A 151 -9.84 -0.62 27.73
CA ALA A 151 -10.46 0.21 28.80
C ALA A 151 -11.99 0.08 28.82
N LYS A 152 -12.66 0.17 27.67
CA LYS A 152 -14.15 0.18 27.60
C LYS A 152 -14.66 -1.19 27.18
N GLY A 153 -13.77 -2.11 26.80
CA GLY A 153 -14.15 -3.41 26.23
C GLY A 153 -14.70 -3.25 24.83
N THR A 154 -15.55 -4.19 24.40
CA THR A 154 -16.09 -4.25 23.01
C THR A 154 -17.03 -3.06 22.74
N ILE A 155 -16.59 -2.10 21.93
CA ILE A 155 -17.40 -0.91 21.51
C ILE A 155 -17.72 -0.95 20.02
N GLU A 156 -18.94 -0.54 19.65
CA GLU A 156 -19.47 -0.49 18.25
C GLU A 156 -19.32 0.95 17.72
N LEU A 157 -18.70 1.11 16.55
CA LEU A 157 -18.41 2.41 15.90
C LEU A 157 -19.03 2.41 14.51
N SER A 158 -19.44 3.60 14.05
CA SER A 158 -20.13 3.86 12.75
C SER A 158 -20.17 5.38 12.58
N GLU A 159 -20.79 5.87 11.49
CA GLU A 159 -21.00 7.32 11.28
C GLU A 159 -21.96 7.84 12.36
N GLU A 160 -22.68 6.93 13.02
CA GLU A 160 -23.66 7.25 14.09
C GLU A 160 -23.00 7.06 15.47
N LYS A 161 -22.39 5.90 15.75
CA LYS A 161 -21.84 5.60 17.10
C LYS A 161 -20.43 6.20 17.22
N ASP A 162 -20.35 7.36 17.87
CA ASP A 162 -19.13 8.19 18.05
C ASP A 162 -18.42 8.35 16.70
N PRO A 163 -19.04 9.03 15.71
CA PRO A 163 -18.44 9.18 14.40
C PRO A 163 -17.08 9.88 14.52
N GLU A 164 -16.89 10.67 15.58
CA GLU A 164 -15.57 11.31 15.82
C GLU A 164 -14.54 10.18 16.01
N LEU A 165 -14.83 9.21 16.90
CA LEU A 165 -13.93 8.07 17.22
C LEU A 165 -13.84 7.12 16.02
N PHE A 166 -14.98 6.79 15.40
CA PHE A 166 -15.14 5.89 14.24
C PHE A 166 -14.02 6.15 13.23
N ARG A 167 -13.95 7.38 12.75
CA ARG A 167 -13.00 7.76 11.67
C ARG A 167 -11.56 7.67 12.19
N LEU A 168 -11.35 7.90 13.49
CA LEU A 168 -9.98 7.84 14.08
C LEU A 168 -9.58 6.38 14.31
N ALA A 169 -10.57 5.52 14.55
CA ALA A 169 -10.41 4.08 14.89
C ALA A 169 -10.13 3.24 13.63
N ARG A 170 -10.99 3.37 12.61
CA ARG A 170 -11.01 2.50 11.41
C ARG A 170 -9.64 2.53 10.72
N CYS A 171 -8.83 3.55 11.01
CA CYS A 171 -7.46 3.75 10.48
C CYS A 171 -6.53 4.08 11.65
N GLY A 172 -6.48 3.22 12.67
CA GLY A 172 -5.83 3.53 13.96
C GLY A 172 -4.47 2.87 14.15
N LEU A 173 -3.83 2.38 13.08
CA LEU A 173 -2.49 1.74 13.15
C LEU A 173 -2.44 0.74 14.30
N GLY A 174 -3.55 0.02 14.54
CA GLY A 174 -3.68 -0.99 15.61
C GLY A 174 -3.50 -0.44 17.03
N ALA A 175 -3.63 0.88 17.27
CA ALA A 175 -3.26 1.53 18.56
C ALA A 175 -4.48 1.91 19.41
N LEU A 176 -5.71 1.77 18.90
CA LEU A 176 -6.94 2.21 19.60
C LEU A 176 -7.77 0.99 20.01
N GLY A 177 -7.30 -0.20 19.66
CA GLY A 177 -8.00 -1.47 19.97
C GLY A 177 -7.83 -2.48 18.85
N VAL A 178 -8.40 -3.66 19.10
CA VAL A 178 -8.32 -4.86 18.25
C VAL A 178 -9.66 -5.01 17.52
N VAL A 179 -9.70 -4.76 16.21
CA VAL A 179 -10.94 -4.81 15.37
C VAL A 179 -11.37 -6.28 15.22
N THR A 180 -12.63 -6.59 15.49
CA THR A 180 -13.18 -7.96 15.45
C THR A 180 -14.15 -8.11 14.28
N GLU A 181 -14.80 -7.01 13.91
CA GLU A 181 -15.85 -6.99 12.87
C GLU A 181 -15.68 -5.70 12.07
N VAL A 182 -16.02 -5.77 10.79
CA VAL A 182 -16.04 -4.63 9.86
C VAL A 182 -17.22 -4.89 8.93
N THR A 183 -18.07 -3.88 8.74
CA THR A 183 -19.12 -3.85 7.68
C THR A 183 -18.58 -2.93 6.60
N LEU A 184 -18.49 -3.45 5.38
CA LEU A 184 -17.85 -2.74 4.24
C LEU A 184 -18.90 -2.38 3.19
N GLN A 185 -18.82 -1.15 2.67
CA GLN A 185 -19.63 -0.71 1.51
C GLN A 185 -19.02 -1.33 0.25
N CYS A 186 -19.71 -2.34 -0.29
CA CYS A 186 -19.33 -3.09 -1.53
C CYS A 186 -20.03 -2.47 -2.75
N VAL A 187 -19.59 -2.86 -3.94
CA VAL A 187 -20.23 -2.52 -5.25
C VAL A 187 -20.58 -3.84 -5.93
N PRO A 188 -21.41 -3.84 -7.00
CA PRO A 188 -21.74 -5.08 -7.69
C PRO A 188 -20.50 -5.71 -8.35
N ARG A 189 -20.35 -7.04 -8.26
CA ARG A 189 -19.26 -7.77 -8.95
C ARG A 189 -19.32 -7.39 -10.43
N HIS A 190 -18.23 -6.84 -10.98
CA HIS A 190 -18.18 -6.34 -12.38
C HIS A 190 -16.91 -6.85 -13.06
N LYS A 191 -16.99 -7.17 -14.34
CA LYS A 191 -15.79 -7.36 -15.20
C LYS A 191 -15.22 -5.97 -15.48
N LEU A 192 -13.98 -5.92 -15.92
CA LEU A 192 -13.23 -4.66 -16.15
C LEU A 192 -12.40 -4.87 -17.41
N LEU A 193 -12.39 -3.88 -18.30
CA LEU A 193 -11.49 -3.85 -19.47
C LEU A 193 -10.23 -3.09 -19.08
N GLU A 194 -9.08 -3.69 -19.33
CA GLU A 194 -7.78 -3.17 -18.88
C GLU A 194 -6.98 -2.86 -20.13
N HIS A 195 -6.55 -1.61 -20.28
CA HIS A 195 -5.77 -1.13 -21.44
C HIS A 195 -4.36 -0.84 -20.97
N THR A 196 -3.38 -1.52 -21.56
CA THR A 196 -1.95 -1.18 -21.34
C THR A 196 -1.42 -0.53 -22.60
N PHE A 197 -0.74 0.60 -22.47
CA PHE A 197 0.02 1.24 -23.55
C PHE A 197 1.14 2.07 -22.94
N VAL A 198 2.14 2.35 -23.77
CA VAL A 198 3.31 3.20 -23.47
C VAL A 198 3.05 4.62 -24.00
N ALA A 199 3.90 5.55 -23.61
CA ALA A 199 3.76 6.98 -23.93
C ALA A 199 5.02 7.70 -23.50
N THR A 200 5.18 8.91 -24.01
CA THR A 200 6.21 9.87 -23.57
C THR A 200 5.61 10.74 -22.47
N MET A 201 6.49 11.34 -21.67
CA MET A 201 6.14 12.46 -20.77
C MET A 201 5.17 13.38 -21.51
N LYS A 202 5.54 13.84 -22.71
CA LYS A 202 4.74 14.85 -23.44
C LYS A 202 3.32 14.30 -23.63
N GLU A 203 3.20 13.06 -24.13
CA GLU A 203 1.89 12.41 -24.46
C GLU A 203 1.05 12.22 -23.19
N VAL A 204 1.72 11.93 -22.06
CA VAL A 204 1.05 11.81 -20.74
C VAL A 204 0.42 13.16 -20.39
N LYS A 205 1.26 14.20 -20.31
CA LYS A 205 0.87 15.58 -19.95
C LYS A 205 -0.35 16.03 -20.75
N LYS A 206 -0.41 15.71 -22.04
CA LYS A 206 -1.50 16.13 -22.96
C LYS A 206 -2.83 15.56 -22.48
N ASN A 207 -2.94 14.25 -22.24
CA ASN A 207 -4.25 13.57 -22.08
C ASN A 207 -4.53 13.32 -20.60
N HIS A 208 -3.63 13.75 -19.73
CA HIS A 208 -3.59 13.40 -18.29
C HIS A 208 -4.85 13.84 -17.55
N GLU A 209 -5.12 15.15 -17.56
CA GLU A 209 -6.23 15.79 -16.77
C GLU A 209 -7.53 15.06 -17.11
N LYS A 210 -7.73 14.78 -18.39
CA LYS A 210 -8.99 14.19 -18.91
C LYS A 210 -8.98 12.69 -18.65
N LEU A 211 -7.80 12.05 -18.68
CA LEU A 211 -7.61 10.58 -18.45
C LEU A 211 -8.07 10.22 -17.03
N LEU A 212 -7.56 10.91 -16.00
CA LEU A 212 -7.95 10.69 -14.57
C LEU A 212 -9.47 10.69 -14.44
N ARG A 213 -10.11 11.62 -15.15
CA ARG A 213 -11.54 11.97 -14.94
C ARG A 213 -12.43 11.09 -15.81
N GLU A 214 -11.92 10.55 -16.92
CA GLU A 214 -12.73 9.76 -17.88
C GLU A 214 -12.57 8.26 -17.62
N ASN A 215 -11.58 7.86 -16.82
CA ASN A 215 -11.23 6.44 -16.57
C ASN A 215 -11.32 6.11 -15.07
N LYS A 216 -11.99 5.01 -14.76
CA LYS A 216 -12.32 4.57 -13.38
C LYS A 216 -11.00 4.35 -12.60
N HIS A 217 -10.08 3.58 -13.18
CA HIS A 217 -8.74 3.27 -12.62
C HIS A 217 -7.66 3.71 -13.61
N VAL A 218 -6.67 4.43 -13.14
CA VAL A 218 -5.51 4.85 -13.97
C VAL A 218 -4.26 4.72 -13.14
N ARG A 219 -3.25 4.05 -13.67
CA ARG A 219 -1.97 3.86 -12.98
C ARG A 219 -0.94 4.10 -14.06
N TYR A 220 0.14 4.78 -13.70
CA TYR A 220 1.35 5.01 -14.52
C TYR A 220 2.48 4.24 -13.86
N MET A 221 3.19 3.43 -14.64
CA MET A 221 4.49 2.81 -14.29
C MET A 221 5.53 3.62 -15.05
N TRP A 222 6.33 4.40 -14.31
CA TRP A 222 7.42 5.25 -14.85
C TRP A 222 8.71 4.44 -14.89
N ILE A 223 9.44 4.50 -16.01
CA ILE A 223 10.69 3.70 -16.19
C ILE A 223 11.88 4.65 -16.25
N PRO A 224 12.57 4.87 -15.12
CA PRO A 224 13.73 5.78 -15.09
C PRO A 224 14.77 5.53 -16.18
N TYR A 225 15.36 6.63 -16.65
CA TYR A 225 16.46 6.68 -17.65
C TYR A 225 15.91 6.28 -19.02
N THR A 226 14.62 6.57 -19.23
CA THR A 226 13.87 6.35 -20.50
C THR A 226 12.76 7.41 -20.54
N ASP A 227 12.11 7.64 -21.68
CA ASP A 227 10.88 8.46 -21.78
C ASP A 227 9.72 7.51 -22.07
N THR A 228 9.78 6.31 -21.50
CA THR A 228 8.68 5.34 -21.58
C THR A 228 7.95 5.39 -20.24
N VAL A 229 6.67 5.72 -20.28
CA VAL A 229 5.70 5.54 -19.17
C VAL A 229 4.67 4.50 -19.63
N VAL A 230 4.40 3.50 -18.81
CA VAL A 230 3.38 2.47 -19.11
C VAL A 230 2.07 2.88 -18.45
N VAL A 231 1.02 3.08 -19.24
CA VAL A 231 -0.26 3.53 -18.70
C VAL A 231 -1.17 2.31 -18.69
N VAL A 232 -1.92 2.16 -17.60
CA VAL A 232 -2.94 1.08 -17.37
C VAL A 232 -4.22 1.76 -16.88
N THR A 233 -5.20 1.73 -17.77
CA THR A 233 -6.59 2.17 -17.52
C THR A 233 -7.40 0.91 -17.27
N CYS A 234 -8.37 1.00 -16.36
CA CYS A 234 -9.41 -0.03 -16.21
C CYS A 234 -10.76 0.69 -16.16
N ASN A 235 -11.72 0.19 -16.95
CA ASN A 235 -13.13 0.66 -16.89
C ASN A 235 -14.09 -0.52 -17.01
N PRO A 236 -15.28 -0.40 -16.38
CA PRO A 236 -16.28 -1.46 -16.45
C PRO A 236 -16.64 -1.74 -17.91
N LEU A 237 -16.80 -3.02 -18.22
CA LEU A 237 -17.16 -3.57 -19.54
C LEU A 237 -18.68 -3.55 -19.68
N PRO A 238 -19.28 -2.53 -20.34
CA PRO A 238 -20.73 -2.50 -20.54
C PRO A 238 -21.13 -3.67 -21.45
N GLU A 239 -20.47 -3.81 -22.62
CA GLU A 239 -20.48 -5.02 -23.48
C GLU A 239 -19.55 -4.83 -24.69
N LYS A 242 -16.51 -7.47 -26.91
CA LYS A 242 -16.20 -6.96 -25.55
C LYS A 242 -14.83 -6.27 -25.62
N ALA A 243 -13.74 -7.03 -25.56
CA ALA A 243 -12.35 -6.54 -25.72
C ALA A 243 -12.14 -6.03 -27.15
N PRO A 244 -11.50 -4.85 -27.37
CA PRO A 244 -10.89 -4.53 -28.66
C PRO A 244 -9.75 -5.49 -29.06
N GLN A 249 0.76 -8.55 -33.37
CA GLN A 249 1.01 -8.69 -31.92
C GLN A 249 2.34 -9.43 -31.72
N TYR A 250 3.03 -9.17 -30.60
CA TYR A 250 4.30 -9.86 -30.20
C TYR A 250 4.00 -11.09 -29.34
N SER A 251 4.79 -12.13 -29.59
CA SER A 251 4.85 -13.39 -28.79
C SER A 251 5.54 -13.12 -27.46
N GLU A 252 5.29 -14.00 -26.48
CA GLU A 252 5.96 -13.98 -25.16
C GLU A 252 7.47 -13.97 -25.37
N ASP A 253 8.00 -14.81 -26.26
CA ASP A 253 9.47 -14.93 -26.47
C ASP A 253 9.94 -13.57 -26.96
N GLU A 254 9.13 -12.97 -27.85
CA GLU A 254 9.51 -11.67 -28.45
C GLU A 254 9.43 -10.59 -27.38
N LYS A 255 8.37 -10.54 -26.56
CA LYS A 255 8.28 -9.60 -25.41
C LYS A 255 9.53 -9.69 -24.51
N LEU A 256 10.05 -10.89 -24.23
CA LEU A 256 11.14 -11.08 -23.24
C LEU A 256 12.51 -10.93 -23.89
N GLN A 257 12.61 -11.10 -25.21
CA GLN A 257 13.88 -11.09 -25.99
C GLN A 257 14.84 -10.04 -25.44
N PRO A 258 14.45 -8.76 -25.26
CA PRO A 258 15.41 -7.73 -24.87
C PRO A 258 16.05 -8.04 -23.49
N LEU A 259 15.29 -8.63 -22.57
CA LEU A 259 15.76 -8.86 -21.18
C LEU A 259 16.62 -10.13 -21.19
N ARG A 260 16.10 -11.20 -21.79
CA ARG A 260 16.85 -12.46 -22.06
C ARG A 260 18.15 -12.14 -22.79
N ASN A 261 18.12 -11.33 -23.86
CA ASN A 261 19.32 -10.93 -24.63
C ASN A 261 20.28 -10.14 -23.73
N LEU A 262 19.76 -9.28 -22.84
CA LEU A 262 20.60 -8.43 -21.95
C LEU A 262 21.31 -9.31 -20.91
N LEU A 263 20.66 -10.39 -20.48
CA LEU A 263 21.20 -11.28 -19.42
C LEU A 263 22.30 -12.16 -20.03
N ARG A 264 22.10 -12.62 -21.26
CA ARG A 264 23.06 -13.44 -22.05
C ARG A 264 24.37 -12.64 -22.25
N GLU A 265 24.30 -11.32 -22.42
CA GLU A 265 25.52 -10.46 -22.46
C GLU A 265 26.38 -10.70 -21.21
N ALA A 266 25.87 -10.42 -20.01
CA ALA A 266 26.56 -10.73 -18.73
C ALA A 266 26.18 -12.15 -18.25
N SER A 284 19.67 -19.87 -22.99
CA SER A 284 19.90 -20.81 -21.86
C SER A 284 18.56 -21.38 -21.40
N PRO A 285 18.50 -22.67 -20.96
CA PRO A 285 17.31 -23.22 -20.31
C PRO A 285 17.15 -22.76 -18.85
N GLU A 286 18.23 -22.23 -18.24
CA GLU A 286 18.21 -21.53 -16.92
C GLU A 286 17.28 -20.32 -17.04
N VAL A 287 17.36 -19.60 -18.18
CA VAL A 287 16.72 -18.28 -18.42
C VAL A 287 15.28 -18.47 -18.94
N SER A 288 15.08 -19.36 -19.91
CA SER A 288 13.79 -19.60 -20.63
C SER A 288 12.62 -19.82 -19.66
N GLY A 289 12.88 -20.30 -18.44
CA GLY A 289 11.82 -20.55 -17.44
C GLY A 289 11.38 -19.28 -16.72
N LEU A 290 12.29 -18.31 -16.58
CA LEU A 290 12.11 -17.12 -15.70
C LEU A 290 10.97 -16.26 -16.23
N SER A 291 10.08 -15.83 -15.33
CA SER A 291 8.98 -14.86 -15.59
C SER A 291 9.59 -13.49 -15.89
N PHE A 292 8.78 -12.58 -16.42
CA PHE A 292 9.23 -11.19 -16.67
C PHE A 292 9.93 -10.63 -15.43
N THR A 293 9.33 -10.77 -14.24
CA THR A 293 9.85 -10.20 -12.97
C THR A 293 11.11 -10.95 -12.51
N GLU A 294 11.24 -12.23 -12.82
CA GLU A 294 12.42 -13.02 -12.43
C GLU A 294 13.60 -12.52 -13.25
N LEU A 295 13.37 -12.10 -14.50
CA LEU A 295 14.40 -11.59 -15.43
C LEU A 295 14.97 -10.27 -14.91
N ARG A 296 14.09 -9.35 -14.50
CA ARG A 296 14.45 -8.06 -13.85
C ARG A 296 15.32 -8.41 -12.65
N ASP A 297 14.78 -9.20 -11.70
CA ASP A 297 15.50 -9.65 -10.50
C ASP A 297 16.88 -10.15 -10.93
N ALA A 298 16.91 -11.12 -11.87
CA ALA A 298 18.15 -11.78 -12.33
C ALA A 298 19.05 -10.78 -13.06
N LEU A 299 18.48 -9.77 -13.70
CA LEU A 299 19.28 -8.72 -14.39
C LEU A 299 19.87 -7.79 -13.35
N LEU A 300 19.04 -7.27 -12.45
CA LEU A 300 19.48 -6.33 -11.38
C LEU A 300 20.56 -7.00 -10.50
N ALA A 301 20.34 -8.26 -10.12
CA ALA A 301 21.31 -9.07 -9.33
C ALA A 301 22.74 -8.75 -9.78
N VAL A 302 22.97 -8.81 -11.08
CA VAL A 302 24.32 -8.70 -11.70
C VAL A 302 25.11 -7.51 -11.13
N ASP A 303 24.46 -6.36 -10.93
CA ASP A 303 25.15 -5.13 -10.48
C ASP A 303 24.12 -4.05 -10.13
N PRO A 304 23.33 -4.24 -9.05
CA PRO A 304 22.17 -3.39 -8.81
C PRO A 304 22.42 -1.93 -8.37
N LEU A 305 23.67 -1.53 -8.12
CA LEU A 305 23.99 -0.14 -7.65
C LEU A 305 24.86 0.64 -8.66
N ASP A 306 25.34 -0.03 -9.72
CA ASP A 306 25.96 0.58 -10.91
C ASP A 306 24.89 1.26 -11.77
N THR A 307 24.85 2.59 -11.82
CA THR A 307 23.74 3.35 -12.44
C THR A 307 23.66 3.04 -13.95
N GLU A 308 24.79 2.92 -14.64
CA GLU A 308 24.84 2.63 -16.10
C GLU A 308 24.21 1.24 -16.39
N TRP A 309 24.52 0.24 -15.57
CA TRP A 309 23.93 -1.12 -15.76
C TRP A 309 22.42 -1.03 -15.63
N VAL A 310 21.92 -0.28 -14.64
CA VAL A 310 20.46 -0.12 -14.39
C VAL A 310 19.84 0.59 -15.59
N LYS A 311 20.52 1.61 -16.12
CA LYS A 311 20.09 2.32 -17.35
C LYS A 311 19.67 1.28 -18.40
N ARG A 312 20.51 0.26 -18.59
CA ARG A 312 20.39 -0.77 -19.65
C ARG A 312 19.23 -1.71 -19.30
N VAL A 313 19.10 -2.09 -18.03
CA VAL A 313 18.00 -2.97 -17.55
C VAL A 313 16.70 -2.22 -17.81
N ASN A 314 16.63 -0.96 -17.39
CA ASN A 314 15.39 -0.15 -17.53
C ASN A 314 15.04 0.00 -19.02
N GLN A 315 16.03 0.17 -19.90
CA GLN A 315 15.76 0.34 -21.36
C GLN A 315 15.13 -0.95 -21.91
N ALA A 316 15.69 -2.10 -21.56
CA ALA A 316 15.18 -3.43 -21.95
C ALA A 316 13.73 -3.62 -21.47
N GLU A 317 13.44 -3.25 -20.21
CA GLU A 317 12.07 -3.37 -19.62
C GLU A 317 11.13 -2.44 -20.37
N ALA A 318 11.58 -1.24 -20.70
CA ALA A 318 10.81 -0.28 -21.54
C ALA A 318 10.42 -0.96 -22.85
N GLU A 319 11.35 -1.67 -23.49
CA GLU A 319 11.10 -2.36 -24.79
C GLU A 319 10.05 -3.47 -24.59
N PHE A 320 10.20 -4.23 -23.51
CA PHE A 320 9.22 -5.27 -23.14
C PHE A 320 7.83 -4.63 -23.09
N TRP A 321 7.70 -3.49 -22.43
CA TRP A 321 6.37 -2.92 -22.18
C TRP A 321 5.84 -2.38 -23.50
N LYS A 322 6.72 -1.79 -24.31
CA LYS A 322 6.41 -1.37 -25.71
C LYS A 322 5.85 -2.55 -26.50
N ARG A 323 6.31 -3.77 -26.24
CA ARG A 323 5.84 -5.00 -26.91
C ARG A 323 4.68 -5.65 -26.16
N SER A 324 4.12 -4.98 -25.16
CA SER A 324 3.06 -5.52 -24.26
C SER A 324 1.81 -4.62 -24.22
N GLU A 325 1.63 -3.73 -25.20
CA GLU A 325 0.37 -2.94 -25.36
C GLU A 325 -0.75 -3.94 -25.70
N GLY A 326 -1.98 -3.65 -25.29
CA GLY A 326 -3.12 -4.57 -25.46
C GLY A 326 -4.16 -4.41 -24.39
N TYR A 327 -5.12 -5.33 -24.39
CA TYR A 327 -6.33 -5.34 -23.54
C TYR A 327 -6.44 -6.70 -22.86
N ARG A 328 -7.02 -6.70 -21.68
CA ARG A 328 -7.49 -7.89 -20.95
C ARG A 328 -8.88 -7.53 -20.39
N VAL A 329 -9.65 -8.56 -20.10
CA VAL A 329 -10.96 -8.47 -19.42
C VAL A 329 -10.85 -9.43 -18.25
N GLY A 330 -11.42 -9.07 -17.12
CA GLY A 330 -11.56 -10.01 -16.00
C GLY A 330 -12.43 -9.38 -14.93
N TRP A 331 -12.67 -10.09 -13.83
CA TRP A 331 -13.36 -9.49 -12.67
C TRP A 331 -12.39 -8.49 -12.06
N SER A 332 -12.91 -7.39 -11.54
CA SER A 332 -12.12 -6.32 -10.92
C SER A 332 -11.01 -6.95 -10.08
N ASP A 333 -11.37 -7.95 -9.26
CA ASP A 333 -10.47 -8.55 -8.24
C ASP A 333 -9.25 -9.18 -8.95
N GLU A 334 -9.43 -9.81 -10.11
CA GLU A 334 -8.31 -10.42 -10.89
C GLU A 334 -7.51 -9.32 -11.58
N ILE A 335 -8.18 -8.27 -12.06
CA ILE A 335 -7.58 -7.22 -12.92
C ILE A 335 -6.80 -6.22 -12.06
N LEU A 336 -7.29 -5.85 -10.89
CA LEU A 336 -6.62 -4.77 -10.09
C LEU A 336 -5.50 -5.38 -9.23
N GLY A 337 -5.38 -6.70 -9.15
CA GLY A 337 -4.10 -7.31 -8.72
C GLY A 337 -2.98 -6.92 -9.69
N PHE A 338 -1.75 -6.85 -9.19
CA PHE A 338 -0.52 -6.54 -9.96
C PHE A 338 0.64 -7.38 -9.39
N ASP A 339 1.38 -8.08 -10.24
CA ASP A 339 2.59 -8.81 -9.78
C ASP A 339 3.65 -7.76 -9.45
N CYS A 340 4.08 -7.68 -8.18
CA CYS A 340 4.97 -6.63 -7.63
C CYS A 340 6.44 -7.02 -7.76
N GLY A 341 6.72 -8.26 -8.18
CA GLY A 341 8.10 -8.73 -8.42
C GLY A 341 8.72 -9.37 -7.18
N GLY A 342 10.06 -9.31 -7.11
CA GLY A 342 10.85 -9.93 -6.04
C GLY A 342 10.64 -9.25 -4.70
N GLN A 343 11.42 -9.68 -3.72
CA GLN A 343 11.62 -9.00 -2.42
C GLN A 343 12.21 -7.62 -2.69
N GLN A 344 11.78 -6.61 -1.93
CA GLN A 344 11.97 -5.19 -2.29
C GLN A 344 11.92 -4.24 -1.08
N TRP A 345 12.62 -3.12 -1.21
CA TRP A 345 12.38 -1.85 -0.47
C TRP A 345 11.42 -1.03 -1.31
N VAL A 346 10.46 -0.39 -0.66
CA VAL A 346 9.46 0.51 -1.29
C VAL A 346 9.21 1.70 -0.38
N SER A 347 8.80 2.82 -0.96
CA SER A 347 8.34 4.02 -0.24
C SER A 347 7.26 4.65 -1.11
N GLU A 348 6.07 4.83 -0.57
CA GLU A 348 4.96 5.49 -1.30
C GLU A 348 4.49 6.67 -0.47
N VAL A 349 4.32 7.84 -1.11
CA VAL A 349 3.73 9.06 -0.48
C VAL A 349 2.40 9.36 -1.18
N ALA A 350 1.45 9.89 -0.41
CA ALA A 350 0.20 10.51 -0.89
C ALA A 350 0.33 12.03 -0.74
N PHE A 351 0.12 12.78 -1.83
CA PHE A 351 0.16 14.27 -1.84
C PHE A 351 -1.01 14.81 -2.65
N PRO A 352 -1.51 16.02 -2.28
CA PRO A 352 -2.74 16.54 -2.86
C PRO A 352 -2.50 17.01 -4.30
N ALA A 353 -3.45 16.70 -5.18
CA ALA A 353 -3.47 17.14 -6.60
C ALA A 353 -4.87 17.70 -6.92
N GLY A 354 -5.29 18.70 -6.12
CA GLY A 354 -6.51 19.47 -6.33
C GLY A 354 -7.77 18.66 -6.13
N THR A 355 -8.77 18.87 -6.97
CA THR A 355 -10.14 18.28 -6.87
C THR A 355 -10.60 17.91 -8.27
N LEU A 356 -11.69 17.16 -8.37
CA LEU A 356 -12.28 16.78 -9.66
C LEU A 356 -12.47 18.07 -10.48
N GLU A 357 -13.11 19.11 -9.90
CA GLU A 357 -13.59 20.33 -10.61
C GLU A 357 -12.43 21.31 -10.84
N LYS A 358 -11.39 21.31 -10.02
CA LYS A 358 -10.21 22.24 -10.12
C LYS A 358 -8.92 21.43 -10.23
N PRO A 359 -8.60 20.88 -11.44
CA PRO A 359 -7.41 20.07 -11.64
C PRO A 359 -6.09 20.74 -11.24
N SER A 360 -5.19 19.97 -10.62
CA SER A 360 -3.80 20.35 -10.27
C SER A 360 -2.82 19.59 -11.18
N ALA A 361 -1.57 20.06 -11.24
CA ALA A 361 -0.47 19.53 -12.07
C ALA A 361 0.73 19.21 -11.19
N ALA A 362 0.53 19.28 -9.86
CA ALA A 362 1.45 18.77 -8.82
C ALA A 362 1.91 17.33 -9.16
N ASP A 363 0.97 16.47 -9.58
CA ASP A 363 1.19 15.01 -9.80
C ASP A 363 2.23 14.81 -10.91
N LEU A 364 2.09 15.48 -12.06
CA LEU A 364 3.08 15.32 -13.17
C LEU A 364 4.36 16.10 -12.88
N GLU A 365 4.24 17.25 -12.22
CA GLU A 365 5.40 18.09 -11.77
C GLU A 365 6.22 17.26 -10.80
N TYR A 366 5.56 16.60 -9.83
CA TYR A 366 6.25 15.71 -8.86
C TYR A 366 7.14 14.78 -9.65
N MET A 367 6.56 14.13 -10.66
CA MET A 367 7.26 13.07 -11.41
C MET A 367 8.45 13.67 -12.17
N GLU A 368 8.25 14.81 -12.85
CA GLU A 368 9.33 15.56 -13.60
C GLU A 368 10.55 15.76 -12.68
N GLU A 369 10.35 16.44 -11.55
CA GLU A 369 11.38 16.73 -10.51
C GLU A 369 12.07 15.41 -10.11
N LEU A 370 11.30 14.38 -9.77
CA LEU A 370 11.86 13.08 -9.28
C LEU A 370 12.74 12.45 -10.36
N MET A 371 12.37 12.59 -11.63
CA MET A 371 13.16 11.99 -12.73
C MET A 371 14.30 12.95 -13.08
N ARG A 372 14.18 14.23 -12.71
CA ARG A 372 15.32 15.17 -12.90
C ARG A 372 16.36 14.73 -11.88
N LEU A 373 15.91 14.45 -10.65
CA LEU A 373 16.80 14.13 -9.50
C LEU A 373 17.55 12.81 -9.70
N ILE A 374 16.85 11.73 -10.03
CA ILE A 374 17.50 10.40 -10.11
C ILE A 374 18.70 10.49 -11.06
N ASN A 375 18.56 11.25 -12.15
CA ASN A 375 19.65 11.41 -13.13
C ASN A 375 20.74 12.29 -12.52
N LYS A 376 20.37 13.37 -11.86
CA LYS A 376 21.33 14.35 -11.30
C LYS A 376 22.17 13.70 -10.19
N GLU A 377 21.58 12.78 -9.43
CA GLU A 377 22.31 12.21 -8.27
C GLU A 377 22.82 10.80 -8.58
N GLY A 378 22.63 10.31 -9.79
CA GLY A 378 23.15 8.97 -10.17
C GLY A 378 22.57 7.88 -9.31
N ILE A 379 21.27 7.94 -9.04
CA ILE A 379 20.59 6.88 -8.23
C ILE A 379 20.30 5.69 -9.14
N PRO A 380 20.73 4.47 -8.74
CA PRO A 380 20.51 3.27 -9.55
C PRO A 380 19.08 2.76 -9.32
N ALA A 381 18.11 3.55 -9.78
CA ALA A 381 16.67 3.38 -9.53
C ALA A 381 16.10 2.44 -10.59
N PRO A 382 15.62 1.23 -10.24
CA PRO A 382 15.06 0.30 -11.20
C PRO A 382 13.61 0.72 -11.45
N ALA A 383 12.90 0.00 -12.34
CA ALA A 383 11.48 0.26 -12.67
C ALA A 383 10.65 -0.76 -11.91
N PRO A 384 9.38 -0.47 -11.60
CA PRO A 384 8.74 0.79 -11.96
C PRO A 384 8.59 1.80 -10.81
N ILE A 385 8.58 3.09 -11.10
CA ILE A 385 7.99 4.06 -10.14
C ILE A 385 6.48 4.10 -10.38
N GLU A 386 5.71 3.62 -9.41
CA GLU A 386 4.25 3.44 -9.54
C GLU A 386 3.54 4.68 -9.04
N GLN A 387 2.87 5.39 -9.94
CA GLN A 387 2.03 6.54 -9.58
C GLN A 387 0.59 6.08 -9.75
N ARG A 388 -0.22 6.31 -8.72
CA ARG A 388 -1.66 6.02 -8.70
C ARG A 388 -2.40 7.24 -8.12
N TRP A 389 -3.74 7.21 -8.16
CA TRP A 389 -4.60 8.28 -7.62
C TRP A 389 -5.69 7.68 -6.78
N THR A 390 -6.07 8.38 -5.72
CA THR A 390 -7.27 8.09 -4.89
C THR A 390 -8.04 9.38 -4.64
N ALA A 391 -9.35 9.28 -4.40
CA ALA A 391 -10.19 10.33 -3.77
C ALA A 391 -9.72 10.51 -2.33
N GLY A 392 -10.05 11.66 -1.72
CA GLY A 392 -9.70 11.98 -0.33
C GLY A 392 -10.40 11.05 0.63
N SER A 393 -9.82 10.86 1.81
CA SER A 393 -10.42 10.19 2.99
C SER A 393 -10.86 11.23 4.04
N SER A 394 -11.99 10.95 4.70
CA SER A 394 -12.51 11.68 5.87
C SER A 394 -11.85 11.14 7.14
N SER A 395 -11.06 10.07 7.06
CA SER A 395 -10.28 9.51 8.21
C SER A 395 -9.11 10.44 8.52
N PRO A 396 -9.06 11.08 9.72
CA PRO A 396 -8.00 12.02 10.04
C PRO A 396 -6.61 11.42 9.82
N MET A 397 -6.42 10.14 10.12
CA MET A 397 -5.09 9.50 10.07
C MET A 397 -4.69 9.12 8.62
N SER A 398 -5.64 8.84 7.71
CA SER A 398 -5.35 8.57 6.27
C SER A 398 -4.36 9.59 5.72
N PRO A 399 -3.28 9.15 5.01
CA PRO A 399 -2.34 10.08 4.37
C PRO A 399 -2.92 10.91 3.20
N ALA A 400 -4.16 10.61 2.81
CA ALA A 400 -4.98 11.39 1.87
C ALA A 400 -6.19 11.93 2.62
N TYR A 401 -5.97 12.43 3.85
CA TYR A 401 -7.02 13.11 4.64
C TYR A 401 -7.39 14.41 3.94
N SER A 402 -8.66 14.60 3.64
CA SER A 402 -9.22 15.89 3.18
C SER A 402 -10.55 16.16 3.86
N PRO A 403 -10.77 17.44 4.27
CA PRO A 403 -12.08 17.93 4.70
C PRO A 403 -13.07 17.97 3.53
N SER A 404 -12.53 18.21 2.33
CA SER A 404 -13.31 18.39 1.08
C SER A 404 -13.39 17.04 0.36
N PRO A 405 -14.60 16.52 0.08
CA PRO A 405 -14.76 15.30 -0.69
C PRO A 405 -14.81 15.70 -2.17
N ASP A 406 -14.45 14.77 -3.05
CA ASP A 406 -14.12 15.03 -4.48
C ASP A 406 -12.75 15.71 -4.55
N SER A 407 -11.98 15.72 -3.46
CA SER A 407 -10.52 16.02 -3.58
C SER A 407 -9.80 14.77 -4.14
N VAL A 408 -8.53 14.96 -4.50
CA VAL A 408 -7.73 13.95 -5.27
C VAL A 408 -6.30 13.95 -4.73
N PHE A 409 -5.81 12.74 -4.41
CA PHE A 409 -4.40 12.51 -4.06
C PHE A 409 -3.72 11.69 -5.15
N SER A 410 -2.49 12.07 -5.48
CA SER A 410 -1.56 11.24 -6.29
C SER A 410 -0.69 10.48 -5.31
N TRP A 411 -0.56 9.18 -5.50
CA TRP A 411 0.39 8.34 -4.75
C TRP A 411 1.52 7.93 -5.68
N VAL A 412 2.74 8.02 -5.18
CA VAL A 412 3.97 7.70 -5.94
C VAL A 412 4.81 6.75 -5.09
N ASN A 413 5.09 5.56 -5.64
CA ASN A 413 5.82 4.47 -4.93
C ASN A 413 7.19 4.29 -5.61
N ILE A 414 8.28 4.46 -4.87
CA ILE A 414 9.65 4.19 -5.37
C ILE A 414 10.05 2.83 -4.86
N ILE A 415 11.01 2.19 -5.52
CA ILE A 415 11.37 0.77 -5.30
C ILE A 415 12.86 0.57 -5.62
N MET A 416 13.54 -0.21 -4.79
CA MET A 416 14.76 -0.96 -5.16
C MET A 416 14.51 -2.42 -4.75
N TYR A 417 15.03 -3.34 -5.56
CA TYR A 417 14.80 -4.80 -5.49
C TYR A 417 15.97 -5.41 -4.74
N LEU A 418 15.73 -6.53 -4.05
CA LEU A 418 16.73 -7.35 -3.33
C LEU A 418 16.82 -8.70 -4.03
N PRO A 419 17.39 -8.74 -5.24
CA PRO A 419 17.27 -9.93 -6.09
C PRO A 419 17.82 -11.22 -5.44
N THR A 420 18.64 -11.13 -4.39
CA THR A 420 19.40 -12.28 -3.82
C THR A 420 19.35 -12.26 -2.30
N GLU A 421 19.96 -13.30 -1.68
CA GLU A 421 20.00 -13.54 -0.22
C GLU A 421 21.41 -13.28 0.33
N ASP A 422 22.32 -12.71 -0.46
CA ASP A 422 23.62 -12.22 0.06
C ASP A 422 23.34 -11.02 0.96
N GLU A 423 23.64 -11.15 2.26
CA GLU A 423 23.33 -10.09 3.27
C GLU A 423 24.20 -8.86 2.98
N GLU A 424 25.38 -9.09 2.39
CA GLU A 424 26.29 -8.05 1.86
C GLU A 424 25.53 -7.19 0.84
N GLN A 425 25.13 -7.78 -0.29
CA GLN A 425 24.46 -7.07 -1.42
C GLN A 425 23.16 -6.47 -0.91
N ARG A 426 22.53 -7.12 0.07
CA ARG A 426 21.22 -6.67 0.62
C ARG A 426 21.37 -5.44 1.50
N LYS A 427 22.58 -5.15 2.01
CA LYS A 427 22.81 -4.01 2.94
C LYS A 427 23.28 -2.77 2.15
N ALA A 428 23.96 -2.96 1.03
CA ALA A 428 24.25 -1.89 0.05
C ALA A 428 22.93 -1.34 -0.54
N ILE A 429 22.02 -2.22 -0.94
CA ILE A 429 20.70 -1.85 -1.54
C ILE A 429 19.88 -1.10 -0.48
N THR A 430 19.95 -1.57 0.77
CA THR A 430 19.35 -0.92 1.97
C THR A 430 19.93 0.49 2.12
N GLU A 431 21.26 0.61 2.09
CA GLU A 431 21.94 1.94 2.11
C GLU A 431 21.31 2.79 1.00
N ALA A 432 21.50 2.38 -0.24
CA ALA A 432 21.19 3.16 -1.45
C ALA A 432 19.72 3.56 -1.42
N PHE A 433 18.84 2.73 -0.86
CA PHE A 433 17.38 3.00 -0.87
C PHE A 433 17.08 4.12 0.13
N ARG A 434 17.65 4.02 1.33
CA ARG A 434 17.59 5.06 2.39
C ARG A 434 18.05 6.39 1.80
N GLN A 435 19.13 6.40 1.01
CA GLN A 435 19.66 7.62 0.38
C GLN A 435 18.66 8.09 -0.69
N TYR A 436 18.12 7.16 -1.47
CA TYR A 436 17.11 7.40 -2.53
C TYR A 436 15.85 8.01 -1.88
N ARG A 437 15.34 7.37 -0.84
CA ARG A 437 14.15 7.87 -0.10
C ARG A 437 14.50 9.21 0.58
N LYS A 438 15.68 9.30 1.19
CA LYS A 438 16.16 10.50 1.93
C LYS A 438 16.15 11.71 0.99
N LEU A 439 16.59 11.53 -0.27
CA LEU A 439 16.66 12.61 -1.29
C LEU A 439 15.24 13.12 -1.64
N CYS A 440 14.27 12.24 -1.84
CA CYS A 440 12.84 12.62 -1.96
C CYS A 440 12.41 13.32 -0.67
N GLU A 441 12.80 12.73 0.47
CA GLU A 441 12.41 13.17 1.84
C GLU A 441 12.62 14.68 1.98
N THR A 442 13.80 15.16 1.56
CA THR A 442 14.18 16.59 1.64
C THR A 442 13.51 17.34 0.48
N ARG A 443 13.88 17.01 -0.76
CA ARG A 443 13.66 17.86 -1.97
C ARG A 443 12.17 17.96 -2.36
N LEU A 444 11.30 17.05 -1.92
CA LEU A 444 9.96 16.93 -2.56
C LEU A 444 8.82 16.91 -1.55
N TRP A 445 8.94 16.17 -0.44
CA TRP A 445 7.74 15.80 0.36
C TRP A 445 7.21 17.05 1.05
N ASP A 446 8.12 17.86 1.58
CA ASP A 446 7.84 19.18 2.21
C ASP A 446 7.16 20.09 1.19
N LYS A 447 7.84 20.35 0.06
CA LYS A 447 7.31 21.16 -1.07
C LYS A 447 5.86 20.73 -1.40
N TYR A 448 5.61 19.42 -1.58
CA TYR A 448 4.33 18.89 -2.14
C TYR A 448 3.36 18.50 -1.01
N GLY A 449 3.79 18.56 0.25
CA GLY A 449 2.98 18.14 1.42
C GLY A 449 2.70 16.65 1.36
N ALA A 450 3.73 15.85 1.09
CA ALA A 450 3.60 14.41 0.85
C ALA A 450 3.68 13.69 2.20
N ALA A 451 2.63 12.93 2.54
CA ALA A 451 2.58 12.00 3.69
C ALA A 451 2.92 10.59 3.20
N GLU A 452 3.84 9.92 3.90
CA GLU A 452 4.23 8.51 3.70
C GLU A 452 3.08 7.57 4.05
N HIS A 453 2.98 6.46 3.31
CA HIS A 453 2.11 5.28 3.61
C HIS A 453 2.53 4.66 4.95
N TRP A 454 1.56 4.36 5.79
CA TRP A 454 1.75 3.89 7.19
C TRP A 454 2.51 2.54 7.25
N ALA A 455 2.50 1.75 6.16
CA ALA A 455 3.05 0.39 6.06
C ALA A 455 4.46 0.46 5.49
N LYS A 456 4.88 1.63 5.08
CA LYS A 456 6.18 1.79 4.39
C LYS A 456 7.10 2.76 5.14
N ILE A 457 6.58 3.55 6.06
CA ILE A 457 7.37 4.56 6.83
C ILE A 457 8.40 3.83 7.71
N GLU A 458 9.65 4.27 7.68
CA GLU A 458 10.75 3.75 8.53
C GLU A 458 11.15 4.84 9.54
N VAL A 459 11.08 4.51 10.84
CA VAL A 459 11.62 5.29 11.98
C VAL A 459 13.13 5.34 11.82
N PRO A 460 13.73 6.53 11.60
CA PRO A 460 15.19 6.63 11.46
C PRO A 460 15.86 6.62 12.84
N GLU A 461 17.09 6.08 12.94
CA GLU A 461 17.84 5.97 14.21
C GLU A 461 18.34 7.36 14.63
N ASP A 462 19.01 8.06 13.72
CA ASP A 462 19.69 9.36 13.97
C ASP A 462 18.69 10.35 14.59
N PRO A 463 18.83 10.70 15.90
CA PRO A 463 17.78 11.41 16.64
C PRO A 463 17.35 12.74 16.01
N GLU A 464 18.25 13.36 15.25
CA GLU A 464 17.96 14.52 14.37
C GLU A 464 16.77 14.18 13.48
N GLU A 465 16.92 13.09 12.70
CA GLU A 465 15.96 12.64 11.66
C GLU A 465 14.61 12.36 12.31
N LEU A 466 14.60 11.61 13.42
CA LEU A 466 13.36 11.22 14.15
C LEU A 466 12.57 12.48 14.58
N GLU A 467 13.26 13.50 15.08
CA GLU A 467 12.64 14.80 15.44
C GLU A 467 12.25 15.50 14.13
N ALA A 468 13.11 15.42 13.11
CA ALA A 468 12.87 15.91 11.74
C ALA A 468 11.55 15.33 11.19
N LEU A 469 11.42 13.99 11.28
CA LEU A 469 10.19 13.25 10.90
C LEU A 469 9.01 13.79 11.71
N ARG A 470 9.12 13.78 13.05
CA ARG A 470 8.02 14.13 14.00
C ARG A 470 7.40 15.47 13.58
N GLU A 471 8.21 16.49 13.33
CA GLU A 471 7.68 17.84 13.02
C GLU A 471 6.95 17.76 11.68
N ARG A 472 7.39 16.90 10.77
CA ARG A 472 6.67 16.66 9.48
C ARG A 472 5.32 15.97 9.71
N LEU A 473 5.23 15.02 10.63
CA LEU A 473 3.94 14.30 10.91
C LEU A 473 2.89 15.31 11.41
N ARG A 474 3.28 16.14 12.39
CA ARG A 474 2.45 17.26 12.90
C ARG A 474 2.04 18.14 11.72
N LYS A 475 3.02 18.55 10.91
CA LYS A 475 2.85 19.42 9.70
C LYS A 475 1.79 18.85 8.75
N ARG A 476 1.67 17.52 8.62
CA ARG A 476 0.81 16.87 7.59
C ARG A 476 -0.48 16.29 8.21
N TYR A 477 -0.53 16.13 9.54
CA TYR A 477 -1.68 15.51 10.25
C TYR A 477 -2.18 16.46 11.33
N PRO A 478 -3.36 17.08 11.15
CA PRO A 478 -3.97 17.90 12.20
C PRO A 478 -4.38 17.04 13.41
N GLY A 479 -4.91 15.85 13.16
CA GLY A 479 -5.57 15.01 14.17
C GLY A 479 -4.60 14.24 15.06
N VAL A 480 -3.32 14.65 15.14
CA VAL A 480 -2.24 13.93 15.89
C VAL A 480 -2.57 13.93 17.39
N ASP A 481 -2.54 15.12 18.02
CA ASP A 481 -2.86 15.33 19.46
C ASP A 481 -4.13 14.56 19.83
N LYS A 482 -5.22 14.70 19.04
CA LYS A 482 -6.51 13.98 19.23
C LYS A 482 -6.34 12.46 19.15
N PHE A 483 -5.32 11.96 18.44
CA PHE A 483 -5.02 10.51 18.21
C PHE A 483 -4.31 9.91 19.42
N ASN A 484 -3.34 10.64 19.99
CA ASN A 484 -2.69 10.23 21.27
C ASN A 484 -3.69 10.37 22.43
N LYS A 485 -4.58 11.37 22.39
CA LYS A 485 -5.66 11.53 23.41
C LYS A 485 -6.57 10.30 23.42
N ALA A 486 -7.00 9.81 22.25
CA ALA A 486 -7.81 8.57 22.13
C ALA A 486 -6.98 7.35 22.57
N ARG A 487 -5.66 7.40 22.39
CA ARG A 487 -4.75 6.31 22.83
C ARG A 487 -4.77 6.21 24.36
N ARG A 488 -4.78 7.35 25.05
CA ARG A 488 -4.82 7.41 26.54
C ARG A 488 -6.25 7.06 26.97
N GLU A 489 -7.28 7.60 26.30
CA GLU A 489 -8.71 7.30 26.58
C GLU A 489 -8.96 5.77 26.47
N LEU A 490 -8.39 5.09 25.46
CA LEU A 490 -8.77 3.69 25.12
C LEU A 490 -7.69 2.68 25.53
N ASP A 491 -6.41 3.07 25.57
CA ASP A 491 -5.24 2.17 25.87
C ASP A 491 -4.24 2.90 26.76
N PRO A 492 -4.68 3.34 27.97
CA PRO A 492 -3.86 4.21 28.84
C PRO A 492 -2.55 3.54 29.28
N LYS A 493 -2.57 2.21 29.40
CA LYS A 493 -1.42 1.36 29.74
C LYS A 493 -0.53 1.16 28.51
N ASN A 494 -0.99 1.55 27.31
CA ASN A 494 -0.18 1.50 26.06
C ASN A 494 0.27 0.06 25.74
N ILE A 495 -0.60 -0.94 25.83
CA ILE A 495 -0.28 -2.37 25.53
C ILE A 495 -0.42 -2.65 24.03
N LEU A 496 -1.07 -1.77 23.27
CA LEU A 496 -1.41 -2.02 21.86
C LEU A 496 -0.30 -1.51 20.95
N SER A 497 0.57 -0.66 21.49
CA SER A 497 1.58 0.07 20.71
C SER A 497 2.94 -0.60 20.86
N ASN A 498 3.80 -0.43 19.85
CA ASN A 498 5.19 -0.96 19.81
C ASN A 498 6.15 0.24 19.78
N ASP A 499 7.45 -0.01 19.65
CA ASP A 499 8.46 1.07 19.61
C ASP A 499 8.04 2.04 18.50
N MET A 500 7.88 1.52 17.28
CA MET A 500 7.49 2.31 16.08
C MET A 500 6.47 3.37 16.46
N ILE A 501 5.34 2.97 17.05
CA ILE A 501 4.19 3.86 17.36
C ILE A 501 4.66 4.91 18.37
N ASP A 502 5.38 4.47 19.41
CA ASP A 502 5.90 5.36 20.47
C ASP A 502 6.79 6.42 19.80
N SER A 503 7.73 6.01 18.93
CA SER A 503 8.72 6.91 18.27
C SER A 503 8.01 7.92 17.36
N LEU A 504 6.92 7.55 16.71
CA LEU A 504 6.19 8.45 15.76
C LEU A 504 5.26 9.39 16.53
N PHE A 505 4.62 8.89 17.60
CA PHE A 505 3.71 9.68 18.46
C PHE A 505 4.26 9.70 19.89
N PRO A 506 5.26 10.57 20.17
CA PRO A 506 5.88 10.63 21.49
C PRO A 506 5.07 11.49 22.46
PA FAD B . -0.16 -6.13 9.23
O1A FAD B . 1.12 -5.68 8.65
O2A FAD B . -0.27 -7.46 9.93
O5B FAD B . -0.76 -4.98 10.19
C5B FAD B . -1.01 -3.68 9.67
C4B FAD B . -1.51 -2.78 10.77
O4B FAD B . -2.83 -3.20 11.19
C3B FAD B . -0.66 -2.78 12.04
O3B FAD B . -0.63 -1.48 12.62
C2B FAD B . -1.38 -3.77 12.95
O2B FAD B . -0.95 -3.48 14.27
C1B FAD B . -2.84 -3.50 12.58
N9A FAD B . -3.80 -4.59 12.72
C8A FAD B . -3.83 -5.78 12.02
N7A FAD B . -4.89 -6.52 12.31
C5A FAD B . -5.60 -5.77 13.24
C6A FAD B . -6.80 -6.00 13.94
N6A FAD B . -7.58 -7.07 13.79
N1A FAD B . -7.22 -5.02 14.78
C2A FAD B . -6.45 -3.94 14.92
N3A FAD B . -5.31 -3.61 14.33
C4A FAD B . -4.93 -4.59 13.49
N1 FAD B . -0.84 -1.13 0.44
C2 FAD B . -1.62 -0.34 -0.31
O2 FAD B . -2.29 0.57 0.20
N3 FAD B . -1.77 -0.55 -1.67
C4 FAD B . -1.05 -1.51 -2.34
O4 FAD B . -1.18 -1.66 -3.53
C4X FAD B . -0.20 -2.33 -1.57
N5 FAD B . 0.50 -3.24 -2.19
C5X FAD B . 1.33 -4.03 -1.45
C6 FAD B . 2.09 -5.01 -2.11
C7 FAD B . 2.94 -5.84 -1.41
C7M FAD B . 3.77 -6.88 -2.13
C8 FAD B . 3.03 -5.71 0.00
C8M FAD B . 3.96 -6.60 0.79
C9 FAD B . 2.31 -4.75 0.64
C9A FAD B . 1.45 -3.89 -0.06
N10 FAD B . 0.70 -2.90 0.56
C10 FAD B . -0.14 -2.07 -0.16
C1' FAD B . 0.80 -2.71 2.01
C2' FAD B . -0.26 -3.50 2.70
O2' FAD B . -1.55 -3.15 2.21
C3' FAD B . -0.17 -3.25 4.21
O3' FAD B . 1.09 -3.68 4.67
C4' FAD B . -1.27 -3.99 4.96
O4' FAD B . -1.48 -3.29 6.19
C5' FAD B . -0.88 -5.42 5.24
O5' FAD B . -2.01 -6.07 5.85
P FAD B . -1.70 -7.15 7.00
O1P FAD B . -2.94 -7.82 7.46
O2P FAD B . -0.53 -7.98 6.56
O3P FAD B . -1.28 -6.09 8.11
C1 X8L C . 3.65 -1.88 -2.93
C2 X8L C . 3.92 -2.49 -5.17
C3 X8L C . 5.05 -1.79 -5.92
C4 X8L C . 4.89 -1.70 -7.43
C5 X8L C . 2.54 -1.81 -5.05
C6 X8L C . 2.64 -1.07 -3.71
O1 X8L C . 3.85 -1.90 -1.75
O2 X8L C . 4.34 -2.67 -3.78
O3 X8L C . 6.25 -2.52 -5.63
O4 X8L C . 6.02 -2.19 -8.16
O5 X8L C . 2.23 -0.91 -6.10
O6 X8L C . 3.05 0.28 -3.84
#